data_3M65
#
_entry.id   3M65
#
_cell.length_a   43.877
_cell.length_b   81.759
_cell.length_c   115.133
_cell.angle_alpha   90.00
_cell.angle_beta   90.00
_cell.angle_gamma   90.00
#
_symmetry.space_group_name_H-M   'P 21 21 21'
#
loop_
_entity.id
_entity.type
_entity.pdbx_description
1 polymer 'ATP-dependent protease La 1'
2 water water
#
_entity_poly.entity_id   1
_entity_poly.type   'polypeptide(L)'
_entity_poly.pdbx_seq_one_letter_code
;MAEELKRSIPLLPLRGLLVYPTMVLHLDVGRDKSVQALEQAMMHDHMIFLATQQDISIDEPGEDEIFTVGTYTKIKQMLK
LPNGTIRVLVEGLKRAHIVKYNEHEDYTSVDIQLIHEDDSKDTEDEALMRTLLDHFDQYIKISKKISAETYAAVTDIEEP
GRMADIVASHLPLKLKDKQDILETADVKDRLNKVIDFINNEKEVLEIEK
;
_entity_poly.pdbx_strand_id   A,B
#
# COMPACT_ATOMS: atom_id res chain seq x y z
N GLU A 4 29.42 -16.13 -14.44
CA GLU A 4 30.38 -15.82 -13.39
C GLU A 4 29.89 -16.25 -11.99
N LEU A 5 30.73 -16.99 -11.27
CA LEU A 5 30.29 -17.67 -10.05
C LEU A 5 30.92 -17.08 -8.79
N LYS A 6 30.09 -16.84 -7.79
CA LYS A 6 30.57 -16.42 -6.49
C LYS A 6 30.15 -17.47 -5.47
N ARG A 7 31.13 -18.09 -4.83
CA ARG A 7 30.83 -19.13 -3.87
C ARG A 7 30.83 -18.60 -2.43
N SER A 8 29.94 -19.15 -1.62
CA SER A 8 29.91 -18.90 -0.19
C SER A 8 29.69 -17.45 0.21
N ILE A 9 28.67 -16.82 -0.39
CA ILE A 9 28.29 -15.45 -0.04
C ILE A 9 27.25 -15.47 1.09
N PRO A 10 27.51 -14.77 2.20
CA PRO A 10 26.56 -14.69 3.32
C PRO A 10 25.25 -14.09 2.87
N LEU A 11 24.15 -14.72 3.27
CA LEU A 11 22.83 -14.29 2.84
C LEU A 11 22.16 -13.38 3.88
N LEU A 12 21.57 -12.31 3.39
CA LEU A 12 20.80 -11.42 4.22
C LEU A 12 19.39 -11.28 3.63
N PRO A 13 18.40 -11.96 4.23
CA PRO A 13 17.01 -11.90 3.76
C PRO A 13 16.40 -10.57 4.16
N LEU A 14 15.85 -9.83 3.20
CA LEU A 14 15.22 -8.55 3.50
C LEU A 14 13.71 -8.74 3.70
N ARG A 15 13.15 -7.97 4.63
CA ARG A 15 11.70 -7.95 4.78
C ARG A 15 11.07 -6.63 4.37
N GLY A 16 10.18 -6.70 3.39
CA GLY A 16 9.43 -5.53 2.97
C GLY A 16 10.29 -4.44 2.36
N LEU A 17 11.31 -4.84 1.62
CA LEU A 17 12.31 -3.92 1.13
C LEU A 17 13.09 -4.62 0.01
N LEU A 18 13.39 -3.90 -1.06
CA LEU A 18 14.16 -4.49 -2.15
C LEU A 18 15.29 -3.55 -2.56
N VAL A 19 16.50 -4.10 -2.70
CA VAL A 19 17.63 -3.26 -3.07
C VAL A 19 18.06 -3.52 -4.51
N TYR A 20 18.12 -2.46 -5.32
CA TYR A 20 18.60 -2.56 -6.70
C TYR A 20 20.05 -2.19 -6.78
N PRO A 21 20.72 -2.70 -7.81
CA PRO A 21 22.11 -2.27 -8.09
C PRO A 21 22.26 -0.73 -8.11
N THR A 22 23.30 -0.26 -7.44
CA THR A 22 23.68 1.17 -7.36
C THR A 22 22.95 1.92 -6.28
N MET A 23 21.94 1.31 -5.68
CA MET A 23 21.30 1.88 -4.49
C MET A 23 22.21 1.80 -3.26
N VAL A 24 22.20 2.87 -2.48
CA VAL A 24 23.01 2.98 -1.27
C VAL A 24 22.10 3.37 -0.12
N LEU A 25 22.06 2.51 0.91
CA LEU A 25 21.17 2.77 2.03
C LEU A 25 21.72 2.21 3.32
N HIS A 26 21.22 2.76 4.43
CA HIS A 26 21.49 2.20 5.74
C HIS A 26 20.45 1.11 6.02
N LEU A 27 20.84 0.11 6.79
CA LEU A 27 19.94 -0.93 7.26
C LEU A 27 20.18 -1.17 8.74
N ASP A 28 19.12 -1.35 9.50
CA ASP A 28 19.25 -1.78 10.89
C ASP A 28 18.98 -3.27 10.99
N VAL A 29 20.01 -4.05 11.32
CA VAL A 29 19.93 -5.51 11.36
C VAL A 29 19.92 -6.11 12.78
N GLY A 30 18.96 -6.98 13.05
CA GLY A 30 18.78 -7.55 14.37
C GLY A 30 18.64 -9.07 14.42
N ARG A 31 17.98 -9.67 13.45
CA ARG A 31 17.86 -11.13 13.42
C ARG A 31 19.24 -11.75 13.62
N ASP A 32 19.35 -12.67 14.58
CA ASP A 32 20.63 -13.34 14.86
C ASP A 32 21.35 -13.83 13.60
N LYS A 33 20.62 -14.53 12.73
CA LYS A 33 21.24 -15.13 11.56
C LYS A 33 21.63 -14.07 10.52
N SER A 34 21.00 -12.90 10.61
CA SER A 34 21.33 -11.79 9.71
C SER A 34 22.58 -11.06 10.20
N VAL A 35 22.70 -10.83 11.51
CA VAL A 35 23.90 -10.14 12.00
C VAL A 35 25.15 -11.02 11.82
N GLN A 36 25.00 -12.34 12.02
CA GLN A 36 26.08 -13.28 11.75
C GLN A 36 26.53 -13.22 10.28
N ALA A 37 25.58 -13.20 9.35
CA ALA A 37 25.93 -13.09 7.94
C ALA A 37 26.78 -11.85 7.69
N LEU A 38 26.36 -10.72 8.23
CA LEU A 38 27.13 -9.49 8.13
C LEU A 38 28.56 -9.68 8.69
N GLU A 39 28.63 -10.06 9.97
CA GLU A 39 29.91 -10.31 10.62
C GLU A 39 30.81 -11.28 9.84
N GLN A 40 30.19 -12.28 9.23
CA GLN A 40 30.91 -13.25 8.45
C GLN A 40 31.49 -12.63 7.17
N ALA A 41 30.76 -11.68 6.58
CA ALA A 41 31.22 -11.01 5.37
C ALA A 41 32.37 -10.06 5.69
N MET A 42 32.27 -9.35 6.81
CA MET A 42 33.35 -8.47 7.24
C MET A 42 34.66 -9.20 7.57
N MET A 43 34.61 -10.53 7.68
CA MET A 43 35.82 -11.31 7.91
C MET A 43 36.44 -11.73 6.59
N HIS A 44 35.85 -11.27 5.50
CA HIS A 44 36.35 -11.62 4.18
C HIS A 44 36.27 -10.41 3.26
N ASP A 45 35.61 -10.55 2.12
CA ASP A 45 35.63 -9.51 1.10
C ASP A 45 34.54 -8.43 1.26
N HIS A 46 33.79 -8.50 2.34
CA HIS A 46 32.77 -7.52 2.64
C HIS A 46 31.56 -7.60 1.71
N MET A 47 31.39 -8.75 1.06
CA MET A 47 30.28 -8.97 0.15
C MET A 47 29.19 -9.83 0.80
N ILE A 48 27.95 -9.49 0.48
CA ILE A 48 26.77 -10.22 0.95
C ILE A 48 25.74 -10.31 -0.18
N PHE A 49 24.78 -11.21 -0.03
CA PHE A 49 23.71 -11.35 -1.00
C PHE A 49 22.40 -10.99 -0.32
N LEU A 50 21.83 -9.87 -0.76
CA LEU A 50 20.52 -9.42 -0.33
C LEU A 50 19.41 -10.04 -1.19
N ALA A 51 18.51 -10.79 -0.56
CA ALA A 51 17.37 -11.32 -1.29
C ALA A 51 16.10 -11.14 -0.46
N THR A 52 15.06 -10.59 -1.09
CA THR A 52 13.80 -10.31 -0.40
C THR A 52 13.04 -11.58 0.00
N GLN A 53 12.49 -11.60 1.21
CA GLN A 53 11.65 -12.69 1.63
C GLN A 53 10.29 -12.52 0.97
N GLN A 54 9.64 -13.63 0.60
CA GLN A 54 8.29 -13.55 0.06
C GLN A 54 7.22 -13.32 1.14
N ASP A 55 7.35 -14.03 2.26
CA ASP A 55 6.45 -13.87 3.39
C ASP A 55 7.12 -13.07 4.49
N ILE A 56 6.58 -11.88 4.73
CA ILE A 56 7.21 -10.90 5.59
C ILE A 56 7.15 -11.29 7.07
N SER A 57 6.34 -12.28 7.39
CA SER A 57 6.07 -12.67 8.78
C SER A 57 6.97 -13.78 9.31
N ILE A 58 7.68 -14.46 8.42
CA ILE A 58 8.59 -15.52 8.84
C ILE A 58 9.89 -14.94 9.39
N ASP A 59 10.43 -15.55 10.45
CA ASP A 59 11.64 -15.04 11.09
C ASP A 59 12.84 -15.87 10.71
N GLU A 60 12.61 -17.14 10.40
CA GLU A 60 13.66 -18.03 9.92
C GLU A 60 13.27 -18.64 8.60
N PRO A 61 13.48 -17.87 7.51
CA PRO A 61 13.08 -18.28 6.16
C PRO A 61 13.99 -19.36 5.59
N GLY A 62 13.41 -20.41 5.02
CA GLY A 62 14.16 -21.40 4.29
C GLY A 62 14.27 -20.92 2.85
N GLU A 63 14.98 -21.67 2.00
CA GLU A 63 15.16 -21.22 0.62
C GLU A 63 13.82 -20.99 -0.07
N ASP A 64 12.82 -21.79 0.31
CA ASP A 64 11.51 -21.68 -0.30
C ASP A 64 10.88 -20.30 -0.11
N GLU A 65 11.26 -19.63 0.99
CA GLU A 65 10.65 -18.35 1.40
C GLU A 65 11.38 -17.08 0.90
N ILE A 66 12.57 -17.25 0.32
CA ILE A 66 13.34 -16.13 -0.24
C ILE A 66 13.25 -16.20 -1.76
N PHE A 67 13.23 -15.07 -2.45
CA PHE A 67 13.37 -15.11 -3.91
C PHE A 67 14.75 -15.65 -4.32
N THR A 68 14.83 -16.26 -5.50
CA THR A 68 16.10 -16.83 -5.95
C THR A 68 17.01 -15.79 -6.56
N VAL A 69 16.43 -14.75 -7.15
CA VAL A 69 17.27 -13.64 -7.60
C VAL A 69 17.28 -12.48 -6.63
N GLY A 70 18.47 -11.92 -6.45
CA GLY A 70 18.70 -10.84 -5.52
C GLY A 70 19.89 -10.05 -5.98
N THR A 71 20.47 -9.27 -5.05
CA THR A 71 21.52 -8.32 -5.40
C THR A 71 22.83 -8.56 -4.67
N TYR A 72 23.86 -8.93 -5.42
CA TYR A 72 25.23 -9.04 -4.91
C TYR A 72 25.61 -7.65 -4.38
N THR A 73 25.97 -7.58 -3.11
CA THR A 73 26.02 -6.30 -2.41
C THR A 73 27.32 -6.07 -1.62
N LYS A 74 27.72 -4.81 -1.50
CA LYS A 74 28.93 -4.48 -0.73
C LYS A 74 28.60 -3.74 0.55
N ILE A 75 29.13 -4.24 1.66
CA ILE A 75 29.07 -3.52 2.93
C ILE A 75 30.08 -2.39 2.87
N LYS A 76 29.65 -1.17 3.09
CA LYS A 76 30.57 -0.02 3.01
C LYS A 76 31.01 0.43 4.39
N GLN A 77 30.07 0.46 5.32
CA GLN A 77 30.38 0.75 6.72
C GLN A 77 29.49 -0.13 7.61
N MET A 78 30.05 -0.62 8.70
CA MET A 78 29.28 -1.43 9.61
C MET A 78 29.54 -0.96 11.03
N LEU A 79 28.45 -0.75 11.76
CA LEU A 79 28.53 -0.22 13.11
C LEU A 79 27.78 -1.14 14.08
N LYS A 80 28.50 -1.63 15.09
CA LYS A 80 27.95 -2.51 16.10
C LYS A 80 27.34 -1.68 17.22
N LEU A 81 26.02 -1.78 17.35
CA LEU A 81 25.23 -0.96 18.26
C LEU A 81 25.35 -1.45 19.71
N PRO A 82 24.87 -0.64 20.68
CA PRO A 82 24.90 -1.01 22.10
C PRO A 82 24.20 -2.33 22.38
N ASN A 83 22.96 -2.45 21.93
CA ASN A 83 22.13 -3.63 22.19
C ASN A 83 22.57 -4.93 21.51
N GLY A 84 23.57 -4.87 20.63
CA GLY A 84 24.04 -6.04 19.91
C GLY A 84 23.54 -6.09 18.48
N THR A 85 22.84 -5.02 18.12
CA THR A 85 22.31 -4.84 16.79
C THR A 85 23.39 -4.24 15.91
N ILE A 86 23.17 -4.23 14.59
CA ILE A 86 24.15 -3.65 13.67
C ILE A 86 23.51 -2.63 12.74
N ARG A 87 24.20 -1.53 12.48
CA ARG A 87 23.73 -0.57 11.50
C ARG A 87 24.74 -0.54 10.38
N VAL A 88 24.29 -0.95 9.20
CA VAL A 88 25.21 -1.12 8.08
C VAL A 88 24.81 -0.26 6.89
N LEU A 89 25.81 0.26 6.19
CA LEU A 89 25.58 1.00 4.95
C LEU A 89 25.98 0.07 3.82
N VAL A 90 25.05 -0.21 2.92
CA VAL A 90 25.35 -1.12 1.83
C VAL A 90 25.16 -0.47 0.47
N GLU A 91 25.74 -1.10 -0.55
CA GLU A 91 25.58 -0.63 -1.91
C GLU A 91 25.30 -1.82 -2.82
N GLY A 92 24.15 -1.82 -3.50
CA GLY A 92 23.87 -2.85 -4.49
C GLY A 92 24.84 -2.75 -5.66
N LEU A 93 25.33 -3.88 -6.12
CA LEU A 93 26.26 -3.88 -7.24
C LEU A 93 25.71 -4.53 -8.51
N LYS A 94 25.30 -5.78 -8.40
CA LYS A 94 24.92 -6.57 -9.58
C LYS A 94 23.78 -7.49 -9.22
N ARG A 95 22.92 -7.79 -10.18
CA ARG A 95 21.92 -8.80 -9.91
C ARG A 95 22.51 -10.19 -10.11
N ALA A 96 21.98 -11.17 -9.40
CA ALA A 96 22.53 -12.52 -9.39
C ALA A 96 21.47 -13.49 -8.93
N HIS A 97 21.69 -14.77 -9.18
CA HIS A 97 20.71 -15.76 -8.73
C HIS A 97 21.31 -16.90 -7.95
N ILE A 98 20.59 -17.29 -6.89
CA ILE A 98 21.04 -18.32 -5.98
C ILE A 98 21.09 -19.63 -6.74
N VAL A 99 22.22 -20.30 -6.61
CA VAL A 99 22.52 -21.45 -7.44
C VAL A 99 22.90 -22.64 -6.56
N LYS A 100 23.19 -22.35 -5.29
CA LYS A 100 23.46 -23.35 -4.27
C LYS A 100 23.18 -22.74 -2.90
N TYR A 101 22.47 -23.46 -2.05
CA TYR A 101 22.03 -22.92 -0.75
C TYR A 101 22.74 -23.64 0.39
N ASN A 102 23.70 -22.98 1.02
CA ASN A 102 24.46 -23.59 2.11
C ASN A 102 23.96 -23.09 3.47
N GLU A 103 22.94 -23.76 4.01
CA GLU A 103 22.40 -23.36 5.31
C GLU A 103 23.34 -23.83 6.42
N HIS A 104 24.02 -22.88 7.06
CA HIS A 104 24.88 -23.19 8.21
C HIS A 104 24.09 -23.02 9.50
N GLU A 105 24.76 -23.21 10.63
CA GLU A 105 24.10 -23.08 11.92
C GLU A 105 23.94 -21.62 12.34
N ASP A 106 24.97 -20.82 12.11
CA ASP A 106 24.97 -19.44 12.57
C ASP A 106 24.34 -18.45 11.59
N TYR A 107 24.22 -18.86 10.34
CA TYR A 107 23.82 -17.95 9.29
C TYR A 107 23.72 -18.78 8.02
N THR A 108 23.18 -18.20 6.97
CA THR A 108 23.10 -18.95 5.73
C THR A 108 24.08 -18.35 4.74
N SER A 109 24.54 -19.17 3.81
CA SER A 109 25.53 -18.77 2.83
C SER A 109 25.03 -19.27 1.50
N VAL A 110 25.47 -18.66 0.41
CA VAL A 110 24.86 -18.96 -0.87
C VAL A 110 25.87 -18.87 -2.03
N ASP A 111 25.73 -19.76 -3.01
CA ASP A 111 26.52 -19.67 -4.24
C ASP A 111 25.64 -18.98 -5.26
N ILE A 112 26.19 -18.00 -5.96
CA ILE A 112 25.40 -17.20 -6.86
C ILE A 112 26.09 -17.04 -8.19
N GLN A 113 25.29 -16.81 -9.24
CA GLN A 113 25.84 -16.48 -10.53
C GLN A 113 25.39 -15.09 -10.90
N LEU A 114 26.34 -14.21 -11.19
CA LEU A 114 26.02 -12.85 -11.63
C LEU A 114 25.24 -12.87 -12.95
N ILE A 115 24.24 -12.00 -13.08
CA ILE A 115 23.38 -11.96 -14.27
C ILE A 115 23.76 -10.74 -15.12
N HIS A 116 23.80 -10.88 -16.45
CA HIS A 116 24.13 -9.72 -17.30
C HIS A 116 23.01 -9.24 -18.22
N GLU A 117 23.15 -8.00 -18.69
CA GLU A 117 22.03 -7.29 -19.35
C GLU A 117 22.06 -7.27 -20.92
N ASP A 118 22.59 -6.24 -21.58
CA ASP A 118 23.02 -4.96 -20.98
C ASP A 118 22.80 -3.81 -21.96
N LYS A 121 23.19 0.48 -24.38
CA LYS A 121 22.33 1.65 -24.66
C LYS A 121 21.98 1.96 -26.14
N ASP A 122 20.81 1.51 -26.62
CA ASP A 122 20.36 1.77 -28.01
C ASP A 122 19.95 3.23 -28.24
N THR A 123 19.39 3.51 -29.42
CA THR A 123 18.65 4.76 -29.61
C THR A 123 17.19 4.50 -29.24
N GLU A 124 16.80 3.23 -29.28
CA GLU A 124 15.53 2.82 -28.71
C GLU A 124 15.54 3.14 -27.22
N ASP A 125 16.62 2.75 -26.55
CA ASP A 125 16.75 2.93 -25.10
C ASP A 125 16.57 4.38 -24.69
N GLU A 126 17.05 5.29 -25.54
CA GLU A 126 16.94 6.72 -25.30
C GLU A 126 15.48 7.20 -25.41
N ALA A 127 14.78 6.71 -26.42
CA ALA A 127 13.36 7.02 -26.57
C ALA A 127 12.60 6.53 -25.32
N LEU A 128 12.73 5.24 -25.03
CA LEU A 128 12.11 4.68 -23.85
C LEU A 128 12.38 5.46 -22.57
N MET A 129 13.60 5.98 -22.41
CA MET A 129 13.89 6.78 -21.24
C MET A 129 13.12 8.10 -21.29
N ARG A 130 13.06 8.72 -22.46
CA ARG A 130 12.29 9.94 -22.62
C ARG A 130 10.84 9.71 -22.22
N THR A 131 10.28 8.58 -22.68
CA THR A 131 8.92 8.18 -22.34
C THR A 131 8.74 7.93 -20.84
N LEU A 132 9.64 7.13 -20.27
CA LEU A 132 9.63 6.89 -18.83
C LEU A 132 9.56 8.20 -18.06
N LEU A 133 10.47 9.13 -18.35
CA LEU A 133 10.46 10.42 -17.67
C LEU A 133 9.15 11.18 -17.83
N ASP A 134 8.57 11.14 -19.04
CA ASP A 134 7.36 11.92 -19.29
C ASP A 134 6.19 11.36 -18.48
N HIS A 135 5.97 10.05 -18.58
CA HIS A 135 4.90 9.41 -17.82
C HIS A 135 5.10 9.63 -16.32
N PHE A 136 6.32 9.45 -15.84
CA PHE A 136 6.66 9.68 -14.44
C PHE A 136 6.31 11.10 -14.01
N ASP A 137 6.64 12.07 -14.85
CA ASP A 137 6.29 13.46 -14.60
C ASP A 137 4.78 13.69 -14.63
N GLN A 138 4.08 13.09 -15.59
CA GLN A 138 2.61 13.18 -15.62
C GLN A 138 2.03 12.70 -14.29
N TYR A 139 2.54 11.57 -13.82
CA TYR A 139 2.06 10.91 -12.62
C TYR A 139 2.37 11.75 -11.37
N ILE A 140 3.57 12.29 -11.29
CA ILE A 140 3.87 13.21 -10.22
C ILE A 140 2.93 14.44 -10.26
N LYS A 141 2.76 15.03 -11.45
CA LYS A 141 1.93 16.21 -11.62
C LYS A 141 0.50 15.93 -11.20
N ILE A 142 0.03 14.73 -11.53
CA ILE A 142 -1.35 14.36 -11.26
C ILE A 142 -1.63 14.09 -9.75
N SER A 143 -0.71 13.41 -9.07
CA SER A 143 -0.82 13.30 -7.61
C SER A 143 -0.89 14.68 -6.94
N LYS A 144 0.06 15.54 -7.29
CA LYS A 144 0.11 16.89 -6.74
C LYS A 144 -1.23 17.59 -6.93
N LYS A 145 -1.83 17.43 -8.11
CA LYS A 145 -3.10 18.07 -8.43
C LYS A 145 -4.28 17.49 -7.64
N ILE A 146 -4.33 16.17 -7.54
CA ILE A 146 -5.39 15.51 -6.82
C ILE A 146 -5.34 15.86 -5.34
N SER A 147 -4.17 15.73 -4.73
CA SER A 147 -4.04 15.95 -3.30
C SER A 147 -4.38 17.39 -2.93
N ALA A 148 -4.08 18.32 -3.84
CA ALA A 148 -4.42 19.72 -3.60
C ALA A 148 -5.92 19.92 -3.57
N GLU A 149 -6.60 19.38 -4.57
CA GLU A 149 -8.05 19.48 -4.62
C GLU A 149 -8.66 18.88 -3.34
N THR A 150 -8.02 17.84 -2.84
CA THR A 150 -8.47 17.18 -1.64
C THR A 150 -8.32 18.10 -0.44
N TYR A 151 -7.12 18.65 -0.26
CA TYR A 151 -6.87 19.59 0.83
C TYR A 151 -7.86 20.76 0.84
N ALA A 152 -8.25 21.25 -0.34
CA ALA A 152 -9.19 22.36 -0.43
C ALA A 152 -10.61 21.93 -0.06
N ALA A 153 -10.98 20.71 -0.40
CA ALA A 153 -12.32 20.21 -0.09
C ALA A 153 -12.47 20.05 1.42
N VAL A 154 -11.47 19.43 2.01
CA VAL A 154 -11.45 19.11 3.43
C VAL A 154 -11.36 20.40 4.27
N THR A 155 -10.76 21.43 3.71
CA THR A 155 -10.67 22.72 4.35
C THR A 155 -12.02 23.33 4.69
N ASP A 156 -13.00 23.13 3.81
CA ASP A 156 -14.33 23.71 3.97
C ASP A 156 -15.32 22.80 4.71
N ILE A 157 -14.81 21.94 5.58
CA ILE A 157 -15.68 21.03 6.33
C ILE A 157 -15.84 21.52 7.77
N GLU A 158 -17.08 21.78 8.18
CA GLU A 158 -17.34 22.39 9.48
C GLU A 158 -17.54 21.37 10.61
N GLU A 159 -17.88 20.14 10.25
CA GLU A 159 -18.17 19.09 11.24
C GLU A 159 -16.96 18.20 11.52
N PRO A 160 -16.53 18.13 12.79
CA PRO A 160 -15.30 17.46 13.19
C PRO A 160 -15.31 15.98 12.82
N GLY A 161 -16.45 15.34 13.06
CA GLY A 161 -16.59 13.92 12.79
C GLY A 161 -16.46 13.66 11.31
N ARG A 162 -17.08 14.54 10.53
CA ARG A 162 -17.06 14.42 9.07
C ARG A 162 -15.68 14.73 8.51
N MET A 163 -14.95 15.66 9.12
CA MET A 163 -13.60 15.93 8.68
C MET A 163 -12.67 14.75 8.97
N ALA A 164 -12.75 14.19 10.18
CA ALA A 164 -11.96 12.99 10.50
C ALA A 164 -12.21 11.84 9.52
N ASP A 165 -13.48 11.55 9.20
CA ASP A 165 -13.79 10.47 8.25
C ASP A 165 -13.20 10.74 6.86
N ILE A 166 -13.47 11.94 6.34
CA ILE A 166 -13.08 12.26 4.98
C ILE A 166 -11.56 12.31 4.81
N VAL A 167 -10.86 12.90 5.77
CA VAL A 167 -9.41 12.91 5.71
C VAL A 167 -8.85 11.49 5.77
N ALA A 168 -9.41 10.65 6.63
CA ALA A 168 -9.04 9.23 6.68
C ALA A 168 -9.27 8.49 5.35
N SER A 169 -10.37 8.77 4.67
CA SER A 169 -10.63 8.12 3.39
C SER A 169 -9.64 8.49 2.27
N HIS A 170 -8.85 9.55 2.44
CA HIS A 170 -7.87 9.94 1.40
C HIS A 170 -6.43 9.54 1.69
N LEU A 171 -6.12 9.34 2.98
CA LEU A 171 -4.83 8.83 3.39
C LEU A 171 -4.63 7.41 2.85
N PRO A 172 -3.37 7.06 2.56
CA PRO A 172 -2.97 5.70 2.17
C PRO A 172 -2.88 4.77 3.39
N LEU A 173 -4.03 4.47 4.00
CA LEU A 173 -4.07 3.62 5.18
C LEU A 173 -4.47 2.20 4.81
N LYS A 174 -3.96 1.20 5.54
CA LYS A 174 -4.45 -0.15 5.39
C LYS A 174 -5.95 -0.13 5.72
N LEU A 175 -6.73 -0.97 5.06
CA LEU A 175 -8.17 -1.09 5.36
C LEU A 175 -8.49 -1.26 6.85
N LYS A 176 -7.76 -2.12 7.55
CA LYS A 176 -8.00 -2.34 8.97
C LYS A 176 -7.89 -1.04 9.77
N ASP A 177 -7.03 -0.13 9.30
CA ASP A 177 -6.88 1.18 9.93
C ASP A 177 -8.06 2.10 9.64
N LYS A 178 -8.53 2.06 8.39
CA LYS A 178 -9.74 2.77 8.03
C LYS A 178 -10.94 2.20 8.79
N GLN A 179 -10.97 0.88 8.97
CA GLN A 179 -12.04 0.25 9.71
C GLN A 179 -12.01 0.70 11.16
N ASP A 180 -10.79 0.89 11.68
CA ASP A 180 -10.64 1.35 13.04
C ASP A 180 -11.31 2.73 13.17
N ILE A 181 -11.07 3.61 12.20
CA ILE A 181 -11.67 4.93 12.23
C ILE A 181 -13.20 4.83 12.24
N LEU A 182 -13.73 3.98 11.37
CA LEU A 182 -15.18 3.73 11.33
C LEU A 182 -15.69 3.24 12.67
N GLU A 183 -14.91 2.39 13.33
CA GLU A 183 -15.33 1.81 14.60
C GLU A 183 -15.10 2.75 15.79
N THR A 184 -14.62 3.95 15.52
CA THR A 184 -14.44 4.92 16.60
C THR A 184 -15.57 5.95 16.64
N ALA A 185 -16.61 5.63 17.40
CA ALA A 185 -17.78 6.49 17.51
C ALA A 185 -17.44 7.87 18.05
N ASP A 186 -16.58 7.91 19.04
CA ASP A 186 -16.33 9.17 19.73
C ASP A 186 -15.54 10.13 18.87
N VAL A 187 -16.07 11.33 18.64
CA VAL A 187 -15.47 12.23 17.67
C VAL A 187 -14.06 12.72 18.03
N LYS A 188 -13.83 13.09 19.28
CA LYS A 188 -12.49 13.49 19.71
C LYS A 188 -11.47 12.37 19.54
N ASP A 189 -11.82 11.18 20.00
CA ASP A 189 -10.98 9.99 19.81
C ASP A 189 -10.67 9.80 18.32
N ARG A 190 -11.67 10.00 17.48
CA ARG A 190 -11.49 9.79 16.06
C ARG A 190 -10.49 10.78 15.49
N LEU A 191 -10.72 12.06 15.75
CA LEU A 191 -9.77 13.09 15.34
C LEU A 191 -8.33 12.79 15.81
N ASN A 192 -8.17 12.42 17.07
CA ASN A 192 -6.84 12.10 17.56
C ASN A 192 -6.19 10.95 16.78
N LYS A 193 -6.95 9.89 16.52
CA LYS A 193 -6.39 8.74 15.83
C LYS A 193 -5.95 9.17 14.45
N VAL A 194 -6.75 10.00 13.79
CA VAL A 194 -6.43 10.39 12.41
C VAL A 194 -5.19 11.27 12.38
N ILE A 195 -5.12 12.23 13.30
CA ILE A 195 -3.90 13.02 13.46
C ILE A 195 -2.68 12.11 13.64
N ASP A 196 -2.78 11.17 14.56
CA ASP A 196 -1.70 10.21 14.78
C ASP A 196 -1.35 9.45 13.50
N PHE A 197 -2.37 9.03 12.74
CA PHE A 197 -2.09 8.32 11.50
C PHE A 197 -1.28 9.22 10.58
N ILE A 198 -1.68 10.47 10.47
CA ILE A 198 -0.99 11.39 9.60
C ILE A 198 0.48 11.46 10.00
N ASN A 199 0.73 11.54 11.29
CA ASN A 199 2.11 11.60 11.78
C ASN A 199 2.96 10.40 11.40
N ASN A 200 2.42 9.22 11.59
CA ASN A 200 3.08 8.02 11.09
C ASN A 200 3.38 8.14 9.59
N GLU A 201 2.37 8.48 8.79
CA GLU A 201 2.56 8.55 7.34
C GLU A 201 3.64 9.59 7.00
N LYS A 202 3.68 10.67 7.76
CA LYS A 202 4.72 11.67 7.59
C LYS A 202 6.10 11.07 7.94
N GLU A 203 6.19 10.38 9.08
CA GLU A 203 7.47 9.82 9.52
C GLU A 203 7.99 8.74 8.59
N VAL A 204 7.10 7.89 8.10
CA VAL A 204 7.43 6.85 7.13
C VAL A 204 8.02 7.44 5.86
N LEU A 205 7.41 8.51 5.36
CA LEU A 205 7.94 9.24 4.21
C LEU A 205 9.37 9.69 4.43
N GLU A 206 9.64 10.25 5.60
CA GLU A 206 10.97 10.76 5.93
C GLU A 206 11.98 9.64 6.15
N ILE A 207 11.48 8.48 6.58
CA ILE A 207 12.29 7.28 6.70
C ILE A 207 12.76 6.79 5.32
N GLU A 208 11.84 6.73 4.37
CA GLU A 208 12.17 6.36 2.99
C GLU A 208 12.82 7.52 2.27
N LYS A 209 13.88 8.07 2.86
CA LYS A 209 14.60 9.20 2.29
C LYS A 209 15.63 9.73 3.30
N GLU B 4 -31.29 2.37 18.64
CA GLU B 4 -32.28 2.48 17.56
C GLU B 4 -32.12 1.38 16.49
N LEU B 5 -33.04 0.41 16.50
CA LEU B 5 -32.90 -0.79 15.69
C LEU B 5 -33.58 -0.74 14.33
N LYS B 6 -32.91 -1.26 13.31
CA LYS B 6 -33.49 -1.38 11.98
C LYS B 6 -33.33 -2.80 11.48
N ARG B 7 -34.42 -3.39 11.04
CA ARG B 7 -34.47 -4.83 10.81
C ARG B 7 -34.38 -5.20 9.33
N SER B 8 -33.80 -6.36 9.06
CA SER B 8 -33.78 -6.92 7.71
C SER B 8 -33.28 -5.93 6.66
N ILE B 9 -32.07 -5.41 6.88
CA ILE B 9 -31.43 -4.56 5.90
C ILE B 9 -30.56 -5.44 4.99
N PRO B 10 -30.74 -5.33 3.67
CA PRO B 10 -29.90 -6.11 2.74
C PRO B 10 -28.42 -5.75 2.93
N LEU B 11 -27.58 -6.77 3.00
CA LEU B 11 -26.16 -6.60 3.21
C LEU B 11 -25.36 -6.57 1.91
N LEU B 12 -24.43 -5.62 1.81
CA LEU B 12 -23.54 -5.55 0.68
C LEU B 12 -22.09 -5.53 1.20
N PRO B 13 -21.40 -6.68 1.13
CA PRO B 13 -20.00 -6.79 1.58
C PRO B 13 -19.09 -6.09 0.59
N LEU B 14 -18.27 -5.16 1.05
CA LEU B 14 -17.34 -4.46 0.17
C LEU B 14 -16.01 -5.15 0.16
N ARG B 15 -15.35 -5.16 -0.99
CA ARG B 15 -13.96 -5.62 -1.04
C ARG B 15 -12.94 -4.51 -1.32
N GLY B 16 -12.02 -4.32 -0.38
CA GLY B 16 -10.93 -3.38 -0.57
C GLY B 16 -11.40 -1.94 -0.66
N LEU B 17 -12.41 -1.62 0.13
CA LEU B 17 -13.06 -0.33 0.03
C LEU B 17 -13.89 -0.11 1.28
N LEU B 18 -13.87 1.10 1.81
CA LEU B 18 -14.66 1.40 2.99
C LEU B 18 -15.43 2.67 2.76
N VAL B 19 -16.71 2.67 3.11
CA VAL B 19 -17.53 3.87 2.93
C VAL B 19 -17.90 4.53 4.27
N TYR B 20 -17.57 5.81 4.41
CA TYR B 20 -17.95 6.55 5.61
C TYR B 20 -19.24 7.30 5.39
N PRO B 21 -19.94 7.63 6.49
CA PRO B 21 -21.11 8.52 6.42
C PRO B 21 -20.82 9.82 5.68
N THR B 22 -21.74 10.18 4.78
CA THR B 22 -21.70 11.39 3.95
C THR B 22 -20.90 11.24 2.67
N MET B 23 -20.16 10.13 2.56
CA MET B 23 -19.50 9.80 1.28
C MET B 23 -20.50 9.38 0.19
N VAL B 24 -20.24 9.85 -1.02
CA VAL B 24 -21.09 9.54 -2.15
C VAL B 24 -20.21 8.99 -3.26
N LEU B 25 -20.53 7.79 -3.73
CA LEU B 25 -19.73 7.16 -4.76
C LEU B 25 -20.53 6.19 -5.63
N HIS B 26 -20.01 5.96 -6.84
CA HIS B 26 -20.52 4.91 -7.69
C HIS B 26 -19.86 3.60 -7.30
N LEU B 27 -20.58 2.51 -7.48
CA LEU B 27 -20.06 1.18 -7.26
C LEU B 27 -20.48 0.29 -8.43
N ASP B 28 -19.58 -0.57 -8.91
CA ASP B 28 -19.94 -1.58 -9.88
C ASP B 28 -20.13 -2.93 -9.19
N VAL B 29 -21.36 -3.42 -9.17
CA VAL B 29 -21.68 -4.65 -8.43
C VAL B 29 -21.99 -5.85 -9.35
N GLY B 30 -21.35 -6.98 -9.05
CA GLY B 30 -21.48 -8.18 -9.88
C GLY B 30 -21.76 -9.47 -9.14
N ARG B 31 -21.23 -9.64 -7.94
CA ARG B 31 -21.49 -10.86 -7.17
C ARG B 31 -23.00 -11.08 -7.09
N ASP B 32 -23.46 -12.27 -7.47
CA ASP B 32 -24.89 -12.58 -7.45
C ASP B 32 -25.60 -12.12 -6.17
N LYS B 33 -25.03 -12.49 -5.03
CA LYS B 33 -25.65 -12.17 -3.75
C LYS B 33 -25.62 -10.67 -3.44
N SER B 34 -24.70 -9.95 -4.05
CA SER B 34 -24.64 -8.49 -3.90
C SER B 34 -25.68 -7.80 -4.76
N VAL B 35 -25.88 -8.23 -6.01
CA VAL B 35 -26.88 -7.58 -6.84
C VAL B 35 -28.28 -7.86 -6.31
N GLN B 36 -28.48 -9.05 -5.77
CA GLN B 36 -29.78 -9.36 -5.17
C GLN B 36 -30.07 -8.45 -3.96
N ALA B 37 -29.08 -8.21 -3.11
CA ALA B 37 -29.26 -7.32 -1.98
C ALA B 37 -29.67 -5.93 -2.44
N LEU B 38 -29.02 -5.42 -3.48
CA LEU B 38 -29.41 -4.14 -4.07
C LEU B 38 -30.86 -4.20 -4.54
N GLU B 39 -31.15 -5.13 -5.46
CA GLU B 39 -32.50 -5.27 -6.01
C GLU B 39 -33.55 -5.42 -4.90
N GLN B 40 -33.17 -6.07 -3.82
CA GLN B 40 -34.09 -6.27 -2.70
C GLN B 40 -34.36 -4.96 -1.97
N ALA B 41 -33.34 -4.10 -1.88
CA ALA B 41 -33.49 -2.81 -1.22
C ALA B 41 -34.34 -1.86 -2.05
N MET B 42 -34.17 -1.90 -3.37
CA MET B 42 -34.99 -1.09 -4.27
C MET B 42 -36.48 -1.50 -4.29
N MET B 43 -36.79 -2.65 -3.71
CA MET B 43 -38.19 -3.06 -3.57
C MET B 43 -38.77 -2.54 -2.27
N HIS B 44 -37.96 -1.81 -1.51
CA HIS B 44 -38.42 -1.24 -0.26
C HIS B 44 -37.93 0.21 -0.09
N ASP B 45 -37.25 0.50 1.02
CA ASP B 45 -36.89 1.88 1.36
C ASP B 45 -35.57 2.34 0.75
N HIS B 46 -34.97 1.48 -0.08
CA HIS B 46 -33.74 1.83 -0.79
C HIS B 46 -32.52 1.90 0.14
N MET B 47 -32.63 1.27 1.31
CA MET B 47 -31.54 1.22 2.28
C MET B 47 -30.79 -0.12 2.25
N ILE B 48 -29.47 -0.04 2.40
CA ILE B 48 -28.60 -1.21 2.46
C ILE B 48 -27.55 -1.01 3.54
N PHE B 49 -26.89 -2.10 3.92
CA PHE B 49 -25.82 -2.01 4.90
C PHE B 49 -24.52 -2.44 4.24
N LEU B 50 -23.61 -1.49 4.10
CA LEU B 50 -22.28 -1.73 3.54
C LEU B 50 -21.31 -2.09 4.65
N ALA B 51 -20.72 -3.28 4.58
CA ALA B 51 -19.71 -3.65 5.54
C ALA B 51 -18.54 -4.28 4.81
N THR B 52 -17.33 -3.81 5.13
CA THR B 52 -16.11 -4.30 4.49
C THR B 52 -15.77 -5.75 4.87
N GLN B 53 -15.42 -6.54 3.87
CA GLN B 53 -14.90 -7.89 4.12
C GLN B 53 -13.50 -7.82 4.70
N GLN B 54 -13.22 -8.67 5.68
CA GLN B 54 -11.89 -8.77 6.25
C GLN B 54 -10.95 -9.52 5.31
N ASP B 55 -11.49 -10.46 4.54
CA ASP B 55 -10.71 -11.19 3.53
C ASP B 55 -11.20 -10.90 2.10
N ILE B 56 -10.44 -10.12 1.34
CA ILE B 56 -10.82 -9.79 -0.04
C ILE B 56 -11.04 -11.01 -0.90
N SER B 57 -10.21 -12.03 -0.72
CA SER B 57 -10.17 -13.14 -1.68
C SER B 57 -11.41 -14.05 -1.64
N ILE B 58 -12.19 -13.94 -0.56
CA ILE B 58 -13.38 -14.77 -0.43
C ILE B 58 -14.53 -14.21 -1.29
N ASP B 59 -15.30 -15.09 -1.92
CA ASP B 59 -16.38 -14.67 -2.80
C ASP B 59 -17.72 -14.82 -2.13
N GLU B 60 -17.82 -15.76 -1.20
CA GLU B 60 -19.03 -15.92 -0.40
C GLU B 60 -18.69 -15.86 1.06
N PRO B 61 -18.55 -14.63 1.60
CA PRO B 61 -18.18 -14.39 3.00
C PRO B 61 -19.31 -14.74 3.96
N GLY B 62 -18.99 -15.45 5.04
CA GLY B 62 -19.94 -15.63 6.12
C GLY B 62 -19.77 -14.48 7.11
N GLU B 63 -20.59 -14.44 8.16
CA GLU B 63 -20.50 -13.33 9.10
C GLU B 63 -19.09 -13.18 9.65
N ASP B 64 -18.38 -14.29 9.81
CA ASP B 64 -17.03 -14.28 10.37
C ASP B 64 -16.06 -13.47 9.53
N GLU B 65 -16.33 -13.40 8.22
CA GLU B 65 -15.46 -12.71 7.25
C GLU B 65 -15.77 -11.22 6.98
N ILE B 66 -16.88 -10.71 7.50
CA ILE B 66 -17.26 -9.30 7.34
C ILE B 66 -17.04 -8.61 8.68
N PHE B 67 -16.65 -7.34 8.68
CA PHE B 67 -16.68 -6.58 9.94
C PHE B 67 -18.11 -6.40 10.48
N THR B 68 -18.25 -6.29 11.80
CA THR B 68 -19.58 -6.15 12.40
C THR B 68 -20.10 -4.73 12.31
N VAL B 69 -19.21 -3.76 12.28
CA VAL B 69 -19.67 -2.39 12.08
C VAL B 69 -19.41 -1.91 10.66
N GLY B 70 -20.41 -1.21 10.15
CA GLY B 70 -20.44 -0.75 8.79
C GLY B 70 -21.33 0.48 8.70
N THR B 71 -21.78 0.79 7.49
CA THR B 71 -22.45 2.04 7.23
C THR B 71 -23.82 1.81 6.63
N TYR B 72 -24.85 2.19 7.38
CA TYR B 72 -26.23 2.21 6.91
C TYR B 72 -26.26 3.18 5.72
N THR B 73 -26.72 2.70 4.56
CA THR B 73 -26.48 3.40 3.30
C THR B 73 -27.72 3.56 2.42
N LYS B 74 -27.78 4.66 1.67
CA LYS B 74 -28.89 4.86 0.75
C LYS B 74 -28.47 4.71 -0.71
N ILE B 75 -29.22 3.89 -1.45
CA ILE B 75 -29.10 3.81 -2.90
C ILE B 75 -29.78 5.05 -3.49
N LYS B 76 -29.03 5.84 -4.27
CA LYS B 76 -29.58 7.05 -4.86
C LYS B 76 -29.98 6.82 -6.32
N GLN B 77 -29.14 6.11 -7.07
CA GLN B 77 -29.47 5.71 -8.42
C GLN B 77 -28.95 4.30 -8.68
N MET B 78 -29.74 3.52 -9.38
CA MET B 78 -29.34 2.17 -9.71
C MET B 78 -29.56 1.92 -11.19
N LEU B 79 -28.54 1.38 -11.84
CA LEU B 79 -28.58 1.15 -13.28
C LEU B 79 -28.22 -0.30 -13.60
N LYS B 80 -29.14 -1.00 -14.28
CA LYS B 80 -28.97 -2.39 -14.64
C LYS B 80 -28.24 -2.46 -15.98
N LEU B 81 -27.04 -3.02 -15.96
CA LEU B 81 -26.12 -3.03 -17.10
C LEU B 81 -26.48 -4.14 -18.08
N PRO B 82 -25.91 -4.12 -19.29
CA PRO B 82 -26.18 -5.13 -20.31
C PRO B 82 -25.89 -6.55 -19.83
N ASN B 83 -24.68 -6.76 -19.31
CA ASN B 83 -24.25 -8.08 -18.87
C ASN B 83 -24.97 -8.67 -17.65
N GLY B 84 -25.82 -7.87 -16.99
CA GLY B 84 -26.55 -8.31 -15.82
C GLY B 84 -25.94 -7.77 -14.53
N THR B 85 -24.96 -6.89 -14.71
CA THR B 85 -24.28 -6.24 -13.63
C THR B 85 -25.06 -4.99 -13.28
N ILE B 86 -24.76 -4.37 -12.15
CA ILE B 86 -25.44 -3.17 -11.72
C ILE B 86 -24.45 -2.07 -11.39
N ARG B 87 -24.75 -0.85 -11.80
CA ARG B 87 -23.94 0.29 -11.41
C ARG B 87 -24.80 1.19 -10.53
N VAL B 88 -24.41 1.32 -9.27
CA VAL B 88 -25.24 2.01 -8.29
C VAL B 88 -24.50 3.20 -7.68
N LEU B 89 -25.24 4.28 -7.42
CA LEU B 89 -24.69 5.42 -6.73
C LEU B 89 -25.22 5.37 -5.32
N VAL B 90 -24.32 5.32 -4.33
CA VAL B 90 -24.76 5.26 -2.94
C VAL B 90 -24.26 6.42 -2.11
N GLU B 91 -24.89 6.62 -0.96
CA GLU B 91 -24.47 7.63 -0.01
C GLU B 91 -24.47 7.04 1.39
N GLY B 92 -23.32 7.09 2.07
CA GLY B 92 -23.26 6.65 3.45
C GLY B 92 -24.06 7.59 4.32
N LEU B 93 -24.81 7.04 5.27
CA LEU B 93 -25.59 7.90 6.16
C LEU B 93 -25.12 7.88 7.62
N LYS B 94 -25.10 6.69 8.21
CA LYS B 94 -24.84 6.53 9.63
C LYS B 94 -24.03 5.27 9.89
N ARG B 95 -23.20 5.28 10.91
CA ARG B 95 -22.53 4.04 11.25
C ARG B 95 -23.47 3.20 12.12
N ALA B 96 -23.28 1.89 12.09
CA ALA B 96 -24.20 0.95 12.73
C ALA B 96 -23.49 -0.38 12.90
N HIS B 97 -24.04 -1.24 13.74
CA HIS B 97 -23.42 -2.56 13.90
C HIS B 97 -24.38 -3.71 13.77
N ILE B 98 -23.88 -4.77 13.13
CA ILE B 98 -24.67 -5.96 12.88
C ILE B 98 -25.03 -6.61 14.19
N VAL B 99 -26.31 -6.88 14.35
CA VAL B 99 -26.85 -7.31 15.63
C VAL B 99 -27.61 -8.63 15.45
N LYS B 100 -27.93 -8.94 14.21
CA LYS B 100 -28.55 -10.20 13.84
C LYS B 100 -28.25 -10.46 12.37
N TYR B 101 -27.84 -11.68 12.04
CA TYR B 101 -27.40 -12.04 10.69
C TYR B 101 -28.38 -13.03 10.05
N ASN B 102 -29.18 -12.55 9.11
CA ASN B 102 -30.17 -13.38 8.44
C ASN B 102 -29.67 -13.81 7.06
N GLU B 103 -28.91 -14.90 7.00
CA GLU B 103 -28.43 -15.41 5.72
C GLU B 103 -29.55 -16.10 4.95
N HIS B 104 -30.01 -15.49 3.86
CA HIS B 104 -31.04 -16.08 3.02
C HIS B 104 -30.36 -16.82 1.87
N GLU B 105 -31.15 -17.33 0.93
CA GLU B 105 -30.61 -18.07 -0.18
C GLU B 105 -30.08 -17.15 -1.28
N ASP B 106 -30.82 -16.08 -1.58
CA ASP B 106 -30.49 -15.18 -2.69
C ASP B 106 -29.53 -14.05 -2.30
N TYR B 107 -29.42 -13.78 -1.01
CA TYR B 107 -28.67 -12.62 -0.56
C TYR B 107 -28.70 -12.67 0.94
N THR B 108 -27.92 -11.81 1.60
CA THR B 108 -27.91 -11.80 3.04
C THR B 108 -28.59 -10.54 3.53
N SER B 109 -29.17 -10.63 4.71
CA SER B 109 -29.91 -9.52 5.28
C SER B 109 -29.45 -9.40 6.72
N VAL B 110 -29.64 -8.23 7.31
CA VAL B 110 -29.01 -8.01 8.59
C VAL B 110 -29.85 -7.06 9.46
N ASP B 111 -29.88 -7.31 10.76
CA ASP B 111 -30.46 -6.38 11.72
C ASP B 111 -29.35 -5.53 12.30
N ILE B 112 -29.55 -4.23 12.36
CA ILE B 112 -28.49 -3.36 12.75
C ILE B 112 -28.98 -2.36 13.79
N GLN B 113 -28.05 -1.86 14.61
CA GLN B 113 -28.36 -0.76 15.51
C GLN B 113 -27.49 0.43 15.14
N LEU B 114 -28.13 1.56 14.86
CA LEU B 114 -27.42 2.79 14.57
C LEU B 114 -26.55 3.21 15.77
N ILE B 115 -25.34 3.69 15.49
CA ILE B 115 -24.40 4.07 16.53
C ILE B 115 -24.38 5.59 16.70
N HIS B 116 -24.44 5.99 17.97
CA HIS B 116 -24.47 7.40 18.35
C HIS B 116 -23.07 7.95 18.62
N GLU B 117 -22.78 9.09 18.01
CA GLU B 117 -21.47 9.72 18.05
C GLU B 117 -21.37 10.75 19.19
N ASP B 118 -20.50 10.43 20.15
CA ASP B 118 -20.21 11.31 21.27
C ASP B 118 -19.61 12.63 20.76
N LYS B 121 -20.81 19.23 20.07
CA LYS B 121 -19.38 19.26 19.82
C LYS B 121 -18.67 20.38 20.62
N ASP B 122 -17.34 20.39 20.63
CA ASP B 122 -16.55 21.26 21.52
C ASP B 122 -15.83 22.45 20.87
N THR B 123 -15.19 23.29 21.71
CA THR B 123 -14.14 24.21 21.28
C THR B 123 -12.83 23.44 21.21
N GLU B 124 -12.78 22.34 21.95
CA GLU B 124 -11.74 21.35 21.75
C GLU B 124 -11.77 20.84 20.31
N ASP B 125 -12.96 20.45 19.85
CA ASP B 125 -13.14 19.89 18.51
C ASP B 125 -12.60 20.83 17.45
N GLU B 126 -12.74 22.13 17.68
CA GLU B 126 -12.28 23.14 16.74
C GLU B 126 -10.76 23.17 16.69
N ALA B 127 -10.13 23.08 17.85
CA ALA B 127 -8.67 23.04 17.92
C ALA B 127 -8.17 21.80 17.21
N LEU B 128 -8.69 20.64 17.60
CA LEU B 128 -8.31 19.40 16.92
C LEU B 128 -8.43 19.48 15.40
N MET B 129 -9.49 20.13 14.90
CA MET B 129 -9.65 20.25 13.45
C MET B 129 -8.55 21.13 12.89
N ARG B 130 -8.23 22.23 13.57
CA ARG B 130 -7.13 23.09 13.13
C ARG B 130 -5.83 22.27 13.05
N THR B 131 -5.61 21.44 14.06
CA THR B 131 -4.43 20.57 14.09
C THR B 131 -4.45 19.55 12.96
N LEU B 132 -5.60 18.91 12.76
CA LEU B 132 -5.76 17.94 11.67
C LEU B 132 -5.40 18.57 10.35
N LEU B 133 -5.94 19.75 10.07
CA LEU B 133 -5.66 20.44 8.82
C LEU B 133 -4.17 20.79 8.67
N ASP B 134 -3.54 21.24 9.76
CA ASP B 134 -2.14 21.63 9.68
C ASP B 134 -1.26 20.43 9.37
N HIS B 135 -1.40 19.37 10.16
CA HIS B 135 -0.65 18.14 9.92
C HIS B 135 -0.88 17.61 8.50
N PHE B 136 -2.14 17.58 8.08
CA PHE B 136 -2.50 17.14 6.73
C PHE B 136 -1.81 17.96 5.64
N ASP B 137 -1.76 19.27 5.84
CA ASP B 137 -1.07 20.18 4.92
C ASP B 137 0.46 19.98 4.94
N GLN B 138 1.03 19.77 6.13
CA GLN B 138 2.46 19.46 6.25
C GLN B 138 2.78 18.23 5.42
N TYR B 139 1.94 17.21 5.57
CA TYR B 139 2.13 15.92 4.91
C TYR B 139 1.99 16.04 3.38
N ILE B 140 0.99 16.76 2.92
CA ILE B 140 0.86 17.04 1.50
C ILE B 140 2.09 17.82 0.97
N LYS B 141 2.50 18.86 1.69
CA LYS B 141 3.67 19.68 1.31
C LYS B 141 4.95 18.86 1.23
N ILE B 142 5.10 17.94 2.17
CA ILE B 142 6.28 17.08 2.24
C ILE B 142 6.33 16.03 1.12
N SER B 143 5.20 15.40 0.79
CA SER B 143 5.17 14.48 -0.36
C SER B 143 5.59 15.24 -1.61
N LYS B 144 4.95 16.39 -1.82
CA LYS B 144 5.21 17.22 -2.99
C LYS B 144 6.72 17.51 -3.11
N LYS B 145 7.34 17.83 -1.99
CA LYS B 145 8.76 18.16 -1.96
C LYS B 145 9.66 16.94 -2.22
N ILE B 146 9.30 15.81 -1.62
CA ILE B 146 10.08 14.59 -1.81
C ILE B 146 10.03 14.14 -3.27
N SER B 147 8.83 14.08 -3.83
CA SER B 147 8.64 13.53 -5.16
C SER B 147 9.33 14.40 -6.19
N ALA B 148 9.39 15.70 -5.91
CA ALA B 148 10.08 16.64 -6.80
C ALA B 148 11.57 16.37 -6.83
N GLU B 149 12.18 16.26 -5.64
CA GLU B 149 13.60 15.95 -5.54
C GLU B 149 13.91 14.62 -6.25
N THR B 150 12.96 13.70 -6.18
CA THR B 150 13.12 12.42 -6.86
C THR B 150 13.12 12.60 -8.38
N TYR B 151 12.12 13.30 -8.90
CA TYR B 151 12.06 13.56 -10.34
C TYR B 151 13.34 14.23 -10.88
N ALA B 152 13.90 15.17 -10.11
CA ALA B 152 15.15 15.82 -10.50
C ALA B 152 16.37 14.89 -10.49
N ALA B 153 16.41 13.97 -9.52
CA ALA B 153 17.51 13.03 -9.43
C ALA B 153 17.48 12.08 -10.61
N VAL B 154 16.30 11.54 -10.85
CA VAL B 154 16.07 10.57 -11.91
C VAL B 154 16.29 11.20 -13.29
N THR B 155 15.99 12.49 -13.41
CA THR B 155 16.25 13.24 -14.65
C THR B 155 17.70 13.19 -15.14
N ASP B 156 18.65 13.20 -14.20
CA ASP B 156 20.09 13.22 -14.52
C ASP B 156 20.71 11.84 -14.61
N ILE B 157 19.92 10.82 -14.95
CA ILE B 157 20.43 9.46 -15.09
C ILE B 157 20.59 9.08 -16.56
N GLU B 158 21.83 8.79 -16.97
CA GLU B 158 22.15 8.50 -18.38
C GLU B 158 21.99 7.03 -18.78
N GLU B 159 21.98 6.12 -17.81
CA GLU B 159 21.90 4.69 -18.08
C GLU B 159 20.47 4.16 -17.97
N PRO B 160 19.96 3.56 -19.06
CA PRO B 160 18.55 3.16 -19.13
C PRO B 160 18.20 2.16 -18.04
N GLY B 161 19.10 1.23 -17.79
CA GLY B 161 18.83 0.15 -16.86
C GLY B 161 18.74 0.72 -15.47
N ARG B 162 19.65 1.64 -15.18
CA ARG B 162 19.71 2.29 -13.88
C ARG B 162 18.52 3.22 -13.69
N MET B 163 18.04 3.84 -14.76
CA MET B 163 16.85 4.67 -14.63
C MET B 163 15.62 3.82 -14.33
N ALA B 164 15.47 2.69 -15.03
CA ALA B 164 14.33 1.80 -14.76
C ALA B 164 14.34 1.31 -13.31
N ASP B 165 15.49 0.89 -12.82
CA ASP B 165 15.55 0.43 -11.43
C ASP B 165 15.17 1.53 -10.43
N ILE B 166 15.80 2.69 -10.58
CA ILE B 166 15.62 3.77 -9.61
C ILE B 166 14.22 4.33 -9.61
N VAL B 167 13.64 4.52 -10.79
CA VAL B 167 12.23 4.94 -10.86
C VAL B 167 11.29 3.89 -10.22
N ALA B 168 11.51 2.62 -10.50
CA ALA B 168 10.74 1.54 -9.85
C ALA B 168 10.89 1.55 -8.33
N SER B 169 12.08 1.84 -7.81
CA SER B 169 12.25 1.89 -6.36
C SER B 169 11.51 3.04 -5.64
N HIS B 170 11.00 4.03 -6.39
CA HIS B 170 10.26 5.16 -5.78
C HIS B 170 8.73 5.06 -5.95
N LEU B 171 8.29 4.31 -6.96
CA LEU B 171 6.90 4.05 -7.18
C LEU B 171 6.36 3.26 -6.01
N PRO B 172 5.08 3.46 -5.67
CA PRO B 172 4.34 2.68 -4.67
C PRO B 172 3.89 1.33 -5.25
N LEU B 173 4.85 0.45 -5.53
CA LEU B 173 4.56 -0.86 -6.09
C LEU B 173 4.59 -1.95 -5.02
N LYS B 174 3.77 -2.99 -5.20
CA LYS B 174 3.86 -4.16 -4.33
C LYS B 174 5.25 -4.76 -4.49
N LEU B 175 5.84 -5.29 -3.42
CA LEU B 175 7.16 -5.94 -3.51
C LEU B 175 7.31 -6.92 -4.68
N LYS B 176 6.30 -7.75 -4.91
CA LYS B 176 6.36 -8.75 -5.98
C LYS B 176 6.52 -8.09 -7.34
N ASP B 177 6.00 -6.86 -7.48
CA ASP B 177 6.21 -6.08 -8.71
C ASP B 177 7.63 -5.53 -8.81
N LYS B 178 8.16 -5.03 -7.69
CA LYS B 178 9.53 -4.59 -7.63
C LYS B 178 10.46 -5.77 -7.91
N GLN B 179 10.12 -6.94 -7.34
CA GLN B 179 10.91 -8.15 -7.59
C GLN B 179 10.86 -8.52 -9.07
N ASP B 180 9.72 -8.27 -9.70
CA ASP B 180 9.61 -8.53 -11.13
C ASP B 180 10.62 -7.69 -11.91
N ILE B 181 10.70 -6.39 -11.58
CA ILE B 181 11.66 -5.50 -12.21
C ILE B 181 13.09 -6.02 -12.01
N LEU B 182 13.44 -6.43 -10.79
CA LEU B 182 14.75 -6.99 -10.51
C LEU B 182 15.01 -8.22 -11.37
N GLU B 183 13.99 -9.05 -11.54
CA GLU B 183 14.15 -10.29 -12.30
C GLU B 183 14.10 -10.08 -13.81
N THR B 184 13.99 -8.83 -14.24
CA THR B 184 13.98 -8.55 -15.67
C THR B 184 15.36 -8.07 -16.11
N ALA B 185 16.20 -9.01 -16.53
CA ALA B 185 17.55 -8.69 -16.98
C ALA B 185 17.54 -7.72 -18.16
N ASP B 186 16.66 -7.95 -19.12
CA ASP B 186 16.72 -7.22 -20.37
C ASP B 186 16.32 -5.77 -20.17
N VAL B 187 17.17 -4.83 -20.58
CA VAL B 187 16.91 -3.43 -20.26
C VAL B 187 15.67 -2.82 -20.93
N LYS B 188 15.47 -3.09 -22.22
CA LYS B 188 14.26 -2.61 -22.90
C LYS B 188 12.98 -3.15 -22.25
N ASP B 189 12.97 -4.46 -21.98
CA ASP B 189 11.84 -5.10 -21.30
C ASP B 189 11.60 -4.43 -19.96
N ARG B 190 12.68 -4.12 -19.26
CA ARG B 190 12.57 -3.48 -17.95
C ARG B 190 11.94 -2.10 -18.05
N LEU B 191 12.48 -1.27 -18.94
CA LEU B 191 11.89 0.04 -19.17
C LEU B 191 10.40 -0.03 -19.52
N ASN B 192 10.04 -0.93 -20.44
CA ASN B 192 8.63 -1.09 -20.80
C ASN B 192 7.76 -1.44 -19.59
N LYS B 193 8.20 -2.40 -18.79
CA LYS B 193 7.42 -2.81 -17.63
C LYS B 193 7.21 -1.63 -16.71
N VAL B 194 8.27 -0.84 -16.50
CA VAL B 194 8.17 0.29 -15.56
C VAL B 194 7.24 1.37 -16.07
N ILE B 195 7.37 1.71 -17.35
CA ILE B 195 6.40 2.60 -17.99
C ILE B 195 4.97 2.09 -17.76
N ASP B 196 4.71 0.81 -18.04
CA ASP B 196 3.38 0.24 -17.85
C ASP B 196 2.94 0.36 -16.39
N PHE B 197 3.85 0.10 -15.46
CA PHE B 197 3.50 0.26 -14.06
C PHE B 197 3.06 1.70 -13.78
N ILE B 198 3.83 2.64 -14.28
CA ILE B 198 3.48 4.05 -14.09
C ILE B 198 2.06 4.31 -14.58
N ASN B 199 1.73 3.80 -15.75
CA ASN B 199 0.38 3.97 -16.31
C ASN B 199 -0.72 3.44 -15.42
N ASN B 200 -0.54 2.21 -14.92
CA ASN B 200 -1.47 1.66 -13.94
C ASN B 200 -1.61 2.60 -12.75
N GLU B 201 -0.49 3.01 -12.16
CA GLU B 201 -0.55 3.87 -10.99
C GLU B 201 -1.30 5.15 -11.31
N LYS B 202 -1.08 5.67 -12.52
CA LYS B 202 -1.78 6.87 -12.97
C LYS B 202 -3.28 6.60 -13.07
N GLU B 203 -3.66 5.47 -13.68
CA GLU B 203 -5.08 5.18 -13.90
C GLU B 203 -5.82 4.91 -12.60
N VAL B 204 -5.15 4.21 -11.69
CA VAL B 204 -5.67 3.97 -10.34
C VAL B 204 -5.98 5.29 -9.62
N LEU B 205 -5.05 6.23 -9.67
CA LEU B 205 -5.27 7.55 -9.10
C LEU B 205 -6.55 8.18 -9.63
N GLU B 206 -6.73 8.12 -10.95
CA GLU B 206 -7.89 8.74 -11.59
C GLU B 206 -9.19 8.00 -11.27
N ILE B 207 -9.06 6.70 -11.02
CA ILE B 207 -10.19 5.89 -10.57
C ILE B 207 -10.67 6.32 -9.19
N GLU B 208 -9.73 6.52 -8.27
CA GLU B 208 -10.04 7.02 -6.93
C GLU B 208 -10.29 8.53 -6.94
N LYS B 209 -11.21 8.97 -7.81
CA LYS B 209 -11.50 10.39 -7.94
C LYS B 209 -12.89 10.60 -8.55
#